data_1XC9
#
_entry.id   1XC9
#
_cell.length_a   88.752
_cell.length_b   93.733
_cell.length_c   104.512
_cell.angle_alpha   90.00
_cell.angle_beta   90.00
_cell.angle_gamma   90.00
#
_symmetry.space_group_name_H-M   'P 21 21 21'
#
loop_
_entity.id
_entity.type
_entity.pdbx_description
1 polymer 'DNA primer strand'
2 polymer 'DNA template strand with benzo[a]pyrene adduct'
3 polymer 'DNA polymerase I'
4 branched beta-D-fructofuranose-(2-1)-alpha-D-glucopyranose
5 non-polymer 1,2,3-TRIHYDROXY-1,2,3,4-TETRAHYDROBENZO[A]PYRENE
6 non-polymer 'SULFATE ION'
7 non-polymer 'MAGNESIUM ION'
8 water water
#
loop_
_entity_poly.entity_id
_entity_poly.type
_entity_poly.pdbx_seq_one_letter_code
_entity_poly.pdbx_strand_id
1 'polydeoxyribonucleotide' (DG)(DG)(DG)(DA)(DT)(DG)(DG)(DT)(DG)(DC) B
2 'polydeoxyribonucleotide' (DA)(DC)(DT)(DC)(DG)(DC)(DA)(DC)(DC)(DA)(DT)(DC)(DC)(DC)(DT) C
3 'polypeptide(L)'
;AKMAFTLADRVTEEMLADKAALVVEVVEENYHDAPIVGIAVVNEHGRFFLRPETALADPQFVAWLGDETKKKSMFDSKRA
AVALKWKGIELCGVSFDLLLAAYLLDPAQGVDDVAAAAKMKQYEAVRPDEAVYGKGAKRAVPDEPVLAEHLVRKAAAIWE
LERPFLDELRRNEQDRLLVELEQPLSSILAEMEFAGVKVDTKRLEQMGKELAEQLGTVEQRIYELAGQEFNINSPKQLGV
ILFEKLQLPVLKKTKTGYSTSADVLEKLAPYHEIVENILHYRQLGKLQSTYIEGLLKVVRPDTKKVHTIFNQALTQTGRL
SSTEPNLQNIPIRLEEGRKIRQAFVPSESDWLIFAADYSQIELRVLAHIAEDDNLMEAFRRDLDIHTKTAMDIFQVSEDE
VTPNMRRQAKAVNFGIVYGISDYGLAQNLNISRKEAAEFIERYFESFPGVKRYMENIVQEAKQKGYVTTLLHRRRYLPDI
TSRNFNVRSFAERMAMNTPIQGSAADIIKKAMIDLNARLKEERLQAHLLLQVHDELILEAPKEEMERLCRLVPEVMEQAV
TLRVPLKVDYHYGSTWYDAK
;
A
#
# COMPACT_ATOMS: atom_id res chain seq x y z
N ALA C 1 14.86 -39.41 1.25
CA ALA C 1 15.07 -37.93 1.25
C ALA C 1 14.13 -37.25 2.24
N LYS C 2 13.13 -37.98 2.71
CA LYS C 2 12.16 -37.43 3.66
C LYS C 2 12.85 -36.76 4.84
N MET C 3 12.17 -35.77 5.42
CA MET C 3 12.73 -35.06 6.56
C MET C 3 12.16 -35.61 7.87
N ALA C 4 13.06 -35.93 8.79
CA ALA C 4 12.65 -36.50 10.08
C ALA C 4 12.06 -35.44 11.01
N PHE C 5 11.06 -35.86 11.77
CA PHE C 5 10.40 -34.98 12.73
C PHE C 5 9.42 -35.78 13.58
N THR C 6 9.04 -35.19 14.70
CA THR C 6 8.11 -35.82 15.62
C THR C 6 6.71 -35.28 15.45
N LEU C 7 5.77 -36.16 15.12
CA LEU C 7 4.37 -35.78 14.97
C LEU C 7 3.80 -36.01 16.36
N ALA C 8 3.97 -35.02 17.24
CA ALA C 8 3.53 -35.10 18.62
C ALA C 8 2.04 -35.04 18.86
N ASP C 9 1.61 -35.70 19.93
CA ASP C 9 0.20 -35.72 20.34
C ASP C 9 0.06 -34.80 21.55
N ARG C 10 1.20 -34.43 22.13
CA ARG C 10 1.23 -33.55 23.30
C ARG C 10 2.42 -32.62 23.20
N VAL C 11 2.32 -31.46 23.84
CA VAL C 11 3.40 -30.48 23.86
C VAL C 11 4.40 -30.82 24.95
N THR C 12 5.68 -30.84 24.62
CA THR C 12 6.70 -31.17 25.60
C THR C 12 7.64 -29.99 25.86
N GLU C 13 8.43 -30.11 26.93
CA GLU C 13 9.36 -29.05 27.33
C GLU C 13 10.40 -28.67 26.27
N GLU C 14 10.95 -29.66 25.56
CA GLU C 14 11.95 -29.35 24.54
C GLU C 14 11.36 -28.65 23.32
N MET C 15 10.03 -28.49 23.31
CA MET C 15 9.37 -27.81 22.21
C MET C 15 9.26 -26.33 22.51
N LEU C 16 9.60 -25.96 23.74
CA LEU C 16 9.50 -24.57 24.17
C LEU C 16 10.84 -23.94 24.48
N ALA C 17 11.80 -24.15 23.59
CA ALA C 17 13.16 -23.61 23.75
C ALA C 17 13.22 -22.09 23.57
N ASP C 18 14.33 -21.51 24.01
CA ASP C 18 14.58 -20.06 23.94
C ASP C 18 14.61 -19.49 22.53
N LYS C 19 14.85 -20.33 21.54
CA LYS C 19 14.89 -19.89 20.14
C LYS C 19 14.35 -20.98 19.24
N ALA C 20 13.58 -20.60 18.22
CA ALA C 20 13.01 -21.58 17.32
C ALA C 20 12.40 -20.99 16.07
N ALA C 21 12.30 -21.81 15.03
CA ALA C 21 11.64 -21.40 13.81
C ALA C 21 10.23 -21.90 14.09
N LEU C 22 9.23 -21.03 13.91
CA LEU C 22 7.85 -21.40 14.17
C LEU C 22 6.98 -21.18 12.94
N VAL C 23 6.11 -22.15 12.67
CA VAL C 23 5.17 -22.08 11.56
C VAL C 23 3.78 -22.28 12.17
N VAL C 24 2.91 -21.29 11.97
CA VAL C 24 1.52 -21.34 12.44
C VAL C 24 0.79 -21.14 11.13
N GLU C 25 0.45 -22.24 10.48
CA GLU C 25 -0.16 -22.22 9.16
C GLU C 25 -1.61 -21.82 8.98
N VAL C 26 -1.81 -20.75 8.21
CA VAL C 26 -3.15 -20.26 7.87
C VAL C 26 -3.17 -20.30 6.35
N VAL C 27 -3.94 -21.23 5.80
CA VAL C 27 -4.02 -21.41 4.35
C VAL C 27 -4.93 -20.43 3.61
N GLU C 28 -6.04 -20.04 4.23
CA GLU C 28 -6.94 -19.09 3.60
C GLU C 28 -6.19 -17.78 3.33
N GLU C 29 -6.33 -17.23 2.12
CA GLU C 29 -5.64 -15.99 1.76
C GLU C 29 -5.94 -14.87 2.76
N ASN C 30 -7.22 -14.68 3.07
CA ASN C 30 -7.61 -13.67 4.04
C ASN C 30 -7.59 -14.40 5.38
N TYR C 31 -6.61 -14.05 6.22
CA TYR C 31 -6.45 -14.72 7.50
C TYR C 31 -7.33 -14.27 8.67
N HIS C 32 -8.18 -13.29 8.46
CA HIS C 32 -9.04 -12.83 9.54
C HIS C 32 -10.05 -13.87 9.97
N ASP C 33 -9.97 -14.27 11.24
CA ASP C 33 -10.85 -15.27 11.84
C ASP C 33 -10.80 -16.58 11.06
N ALA C 34 -9.64 -16.85 10.45
CA ALA C 34 -9.43 -18.05 9.64
C ALA C 34 -8.81 -19.20 10.45
N PRO C 35 -8.95 -20.43 9.97
CA PRO C 35 -8.39 -21.58 10.67
C PRO C 35 -6.88 -21.71 10.62
N ILE C 36 -6.30 -22.23 11.70
CA ILE C 36 -4.87 -22.50 11.74
C ILE C 36 -4.88 -24.02 11.51
N VAL C 37 -4.35 -24.46 10.38
CA VAL C 37 -4.37 -25.87 10.03
C VAL C 37 -3.27 -26.77 10.60
N GLY C 38 -2.25 -26.16 11.19
CA GLY C 38 -1.17 -26.95 11.74
C GLY C 38 -0.07 -26.06 12.27
N ILE C 39 0.79 -26.62 13.11
CA ILE C 39 1.87 -25.88 13.72
C ILE C 39 3.16 -26.70 13.62
N ALA C 40 4.27 -26.03 13.30
CA ALA C 40 5.56 -26.70 13.20
C ALA C 40 6.59 -25.92 13.98
N VAL C 41 7.45 -26.65 14.69
CA VAL C 41 8.48 -26.02 15.49
C VAL C 41 9.81 -26.72 15.25
N VAL C 42 10.84 -25.93 14.96
CA VAL C 42 12.18 -26.46 14.75
C VAL C 42 13.12 -25.68 15.65
N ASN C 43 13.85 -26.39 16.50
CA ASN C 43 14.79 -25.75 17.41
C ASN C 43 15.98 -26.67 17.66
N GLU C 44 16.84 -26.30 18.59
CA GLU C 44 18.03 -27.09 18.89
C GLU C 44 17.75 -28.55 19.25
N HIS C 45 16.56 -28.82 19.80
CA HIS C 45 16.20 -30.17 20.22
C HIS C 45 15.61 -31.05 19.11
N GLY C 46 15.23 -30.45 18.00
CA GLY C 46 14.69 -31.23 16.91
C GLY C 46 13.58 -30.53 16.13
N ARG C 47 12.78 -31.32 15.42
CA ARG C 47 11.69 -30.80 14.61
C ARG C 47 10.38 -31.41 15.09
N PHE C 48 9.35 -30.58 15.27
CA PHE C 48 8.06 -31.05 15.74
C PHE C 48 6.85 -30.51 15.00
N PHE C 49 5.81 -31.34 14.88
CA PHE C 49 4.55 -30.93 14.27
C PHE C 49 3.48 -31.11 15.34
N LEU C 50 2.66 -30.08 15.51
CA LEU C 50 1.59 -30.11 16.50
C LEU C 50 0.25 -29.78 15.87
N ARG C 51 -0.79 -30.49 16.29
CA ARG C 51 -2.13 -30.21 15.79
C ARG C 51 -2.57 -28.98 16.56
N PRO C 52 -3.20 -28.00 15.88
CA PRO C 52 -3.64 -26.78 16.54
C PRO C 52 -4.57 -26.97 17.74
N GLU C 53 -5.50 -27.91 17.65
CA GLU C 53 -6.43 -28.16 18.74
C GLU C 53 -5.69 -28.38 20.06
N THR C 54 -4.72 -29.27 20.05
CA THR C 54 -3.95 -29.59 21.26
C THR C 54 -2.98 -28.49 21.67
N ALA C 55 -2.21 -27.99 20.71
CA ALA C 55 -1.22 -26.94 21.00
C ALA C 55 -1.85 -25.65 21.50
N LEU C 56 -2.85 -25.16 20.80
CA LEU C 56 -3.49 -23.90 21.17
C LEU C 56 -4.33 -23.96 22.45
N ALA C 57 -4.44 -25.15 23.03
CA ALA C 57 -5.20 -25.34 24.26
C ALA C 57 -4.23 -25.64 25.41
N ASP C 58 -2.97 -25.82 25.06
CA ASP C 58 -1.95 -26.12 26.05
C ASP C 58 -1.44 -24.83 26.69
N PRO C 59 -1.68 -24.67 28.00
CA PRO C 59 -1.27 -23.49 28.76
C PRO C 59 0.20 -23.13 28.58
N GLN C 60 1.05 -24.14 28.56
CA GLN C 60 2.49 -23.92 28.41
C GLN C 60 2.83 -23.40 27.01
N PHE C 61 2.22 -23.99 25.98
CA PHE C 61 2.49 -23.55 24.62
C PHE C 61 2.02 -22.11 24.44
N VAL C 62 0.79 -21.83 24.85
CA VAL C 62 0.24 -20.49 24.74
C VAL C 62 1.15 -19.50 25.47
N ALA C 63 1.63 -19.89 26.64
CA ALA C 63 2.52 -19.03 27.42
C ALA C 63 3.81 -18.78 26.62
N TRP C 64 4.33 -19.84 26.00
CA TRP C 64 5.55 -19.76 25.20
C TRP C 64 5.35 -18.78 24.04
N LEU C 65 4.20 -18.88 23.38
CA LEU C 65 3.88 -18.01 22.26
C LEU C 65 3.91 -16.54 22.68
N GLY C 66 3.33 -16.25 23.84
CA GLY C 66 3.27 -14.87 24.32
C GLY C 66 4.48 -14.37 25.10
N ASP C 67 5.46 -15.23 25.32
CA ASP C 67 6.67 -14.85 26.06
C ASP C 67 7.66 -14.15 25.11
N GLU C 68 7.83 -12.84 25.28
CA GLU C 68 8.73 -12.07 24.44
C GLU C 68 10.19 -12.50 24.53
N THR C 69 10.56 -13.20 25.60
CA THR C 69 11.94 -13.63 25.76
C THR C 69 12.18 -14.91 24.98
N LYS C 70 11.12 -15.58 24.55
CA LYS C 70 11.24 -16.80 23.76
C LYS C 70 11.20 -16.31 22.31
N LYS C 71 12.36 -16.30 21.66
CA LYS C 71 12.46 -15.80 20.28
C LYS C 71 12.04 -16.76 19.20
N LYS C 72 11.27 -16.26 18.24
CA LYS C 72 10.80 -17.06 17.13
C LYS C 72 11.20 -16.46 15.77
N SER C 73 11.51 -17.34 14.84
CA SER C 73 11.86 -16.93 13.48
C SER C 73 10.71 -17.48 12.65
N MET C 74 10.12 -16.63 11.81
CA MET C 74 8.96 -17.05 11.02
C MET C 74 8.96 -16.46 9.61
N PHE C 75 7.90 -16.76 8.87
CA PHE C 75 7.68 -16.22 7.54
C PHE C 75 6.24 -15.66 7.55
N ASP C 76 6.13 -14.33 7.42
CA ASP C 76 4.84 -13.62 7.46
C ASP C 76 4.25 -13.78 8.85
N SER C 77 4.95 -13.25 9.85
CA SER C 77 4.49 -13.34 11.22
C SER C 77 3.17 -12.60 11.44
N LYS C 78 2.90 -11.58 10.64
CA LYS C 78 1.64 -10.83 10.79
C LYS C 78 0.43 -11.74 10.55
N ARG C 79 0.53 -12.61 9.56
CA ARG C 79 -0.55 -13.55 9.24
C ARG C 79 -0.86 -14.41 10.48
N ALA C 80 0.17 -14.99 11.07
CA ALA C 80 0.00 -15.82 12.25
C ALA C 80 -0.48 -15.00 13.45
N ALA C 81 0.10 -13.81 13.63
CA ALA C 81 -0.28 -12.97 14.76
C ALA C 81 -1.77 -12.59 14.75
N VAL C 82 -2.27 -12.18 13.59
CA VAL C 82 -3.68 -11.81 13.46
C VAL C 82 -4.59 -13.02 13.62
N ALA C 83 -4.24 -14.15 13.03
CA ALA C 83 -5.07 -15.34 13.15
C ALA C 83 -5.16 -15.75 14.61
N LEU C 84 -4.07 -15.57 15.34
CA LEU C 84 -4.05 -15.89 16.76
C LEU C 84 -4.85 -14.86 17.58
N LYS C 85 -4.77 -13.59 17.21
CA LYS C 85 -5.52 -12.54 17.90
C LYS C 85 -7.01 -12.87 17.88
N TRP C 86 -7.48 -13.36 16.74
CA TRP C 86 -8.89 -13.71 16.60
C TRP C 86 -9.27 -14.87 17.51
N LYS C 87 -8.27 -15.60 17.99
CA LYS C 87 -8.50 -16.73 18.89
C LYS C 87 -8.14 -16.36 20.32
N GLY C 88 -7.88 -15.07 20.54
CA GLY C 88 -7.54 -14.59 21.87
C GLY C 88 -6.17 -15.01 22.36
N ILE C 89 -5.23 -15.19 21.45
CA ILE C 89 -3.88 -15.60 21.80
C ILE C 89 -2.86 -14.59 21.28
N GLU C 90 -1.97 -14.15 22.17
CA GLU C 90 -0.96 -13.16 21.80
C GLU C 90 0.34 -13.82 21.36
N LEU C 91 0.92 -13.31 20.27
CA LEU C 91 2.17 -13.83 19.75
C LEU C 91 3.22 -12.75 19.96
N CYS C 92 4.27 -13.10 20.72
CA CYS C 92 5.35 -12.17 21.00
C CYS C 92 6.69 -12.84 20.73
N GLY C 93 7.75 -12.02 20.71
CA GLY C 93 9.08 -12.56 20.52
C GLY C 93 9.52 -12.89 19.11
N VAL C 94 8.82 -12.39 18.09
CA VAL C 94 9.25 -12.68 16.73
C VAL C 94 10.45 -11.79 16.44
N SER C 95 11.64 -12.39 16.39
CA SER C 95 12.85 -11.62 16.13
C SER C 95 13.33 -11.66 14.68
N PHE C 96 12.72 -12.51 13.86
CA PHE C 96 13.11 -12.62 12.46
C PHE C 96 11.94 -13.06 11.57
N ASP C 97 11.65 -12.26 10.54
CA ASP C 97 10.57 -12.60 9.60
C ASP C 97 11.19 -12.72 8.21
N LEU C 98 11.28 -13.95 7.72
CA LEU C 98 11.89 -14.23 6.41
C LEU C 98 11.23 -13.51 5.25
N LEU C 99 9.92 -13.31 5.32
CA LEU C 99 9.22 -12.60 4.25
C LEU C 99 9.73 -11.16 4.14
N LEU C 100 9.78 -10.47 5.28
CA LEU C 100 10.22 -9.09 5.30
C LEU C 100 11.71 -8.99 4.93
N ALA C 101 12.50 -9.96 5.39
CA ALA C 101 13.94 -9.99 5.07
C ALA C 101 14.13 -10.14 3.56
N ALA C 102 13.40 -11.09 2.96
CA ALA C 102 13.52 -11.30 1.52
C ALA C 102 13.04 -10.06 0.76
N TYR C 103 11.95 -9.45 1.24
CA TYR C 103 11.40 -8.25 0.63
C TYR C 103 12.41 -7.10 0.60
N LEU C 104 13.11 -6.91 1.70
CA LEU C 104 14.11 -5.85 1.77
C LEU C 104 15.32 -6.14 0.87
N LEU C 105 15.73 -7.40 0.79
CA LEU C 105 16.86 -7.77 -0.04
C LEU C 105 16.61 -7.53 -1.51
N ASP C 106 15.38 -7.79 -1.96
CA ASP C 106 15.03 -7.55 -3.35
C ASP C 106 13.52 -7.60 -3.54
N PRO C 107 12.86 -6.44 -3.43
CA PRO C 107 11.40 -6.37 -3.59
C PRO C 107 10.89 -6.84 -4.94
N ALA C 108 11.76 -6.85 -5.94
CA ALA C 108 11.36 -7.27 -7.28
C ALA C 108 11.19 -8.78 -7.44
N GLN C 109 11.79 -9.55 -6.52
CA GLN C 109 11.71 -11.00 -6.57
C GLN C 109 10.27 -11.49 -6.37
N GLY C 110 9.45 -10.67 -5.73
CA GLY C 110 8.08 -11.06 -5.48
C GLY C 110 7.94 -12.29 -4.62
N VAL C 111 8.80 -12.40 -3.60
CA VAL C 111 8.75 -13.55 -2.70
C VAL C 111 7.40 -13.58 -1.99
N ASP C 112 6.68 -14.69 -2.16
CA ASP C 112 5.36 -14.87 -1.57
C ASP C 112 5.23 -16.14 -0.72
N ASP C 113 6.28 -16.96 -0.69
CA ASP C 113 6.27 -18.15 0.15
C ASP C 113 7.69 -18.49 0.54
N VAL C 114 7.83 -19.41 1.50
CA VAL C 114 9.14 -19.80 1.99
C VAL C 114 10.05 -20.33 0.90
N ALA C 115 9.51 -21.17 0.02
CA ALA C 115 10.29 -21.75 -1.06
C ALA C 115 10.95 -20.70 -1.95
N ALA C 116 10.21 -19.63 -2.26
CA ALA C 116 10.72 -18.57 -3.11
C ALA C 116 11.87 -17.83 -2.43
N ALA C 117 11.74 -17.62 -1.13
CA ALA C 117 12.77 -16.94 -0.35
C ALA C 117 14.00 -17.83 -0.26
N ALA C 118 13.76 -19.12 -0.02
CA ALA C 118 14.86 -20.07 0.10
C ALA C 118 15.64 -20.20 -1.21
N LYS C 119 14.95 -20.11 -2.33
CA LYS C 119 15.61 -20.23 -3.62
C LYS C 119 16.67 -19.14 -3.82
N MET C 120 16.48 -18.00 -3.15
CA MET C 120 17.44 -16.89 -3.25
C MET C 120 18.81 -17.30 -2.70
N LYS C 121 18.82 -18.30 -1.82
CA LYS C 121 20.07 -18.77 -1.24
C LYS C 121 20.39 -20.22 -1.60
N GLN C 122 19.92 -20.65 -2.77
CA GLN C 122 20.17 -21.98 -3.29
C GLN C 122 19.70 -23.11 -2.37
N TYR C 123 18.63 -22.86 -1.63
CA TYR C 123 18.04 -23.86 -0.73
C TYR C 123 16.74 -24.31 -1.38
N GLU C 124 16.64 -25.59 -1.69
CA GLU C 124 15.43 -26.08 -2.36
C GLU C 124 14.76 -27.30 -1.74
N ALA C 125 15.07 -27.57 -0.47
CA ALA C 125 14.50 -28.72 0.24
C ALA C 125 13.15 -28.34 0.88
N VAL C 126 12.34 -27.62 0.13
CA VAL C 126 11.02 -27.19 0.59
C VAL C 126 10.21 -26.92 -0.67
N ARG C 127 8.94 -27.33 -0.66
CA ARG C 127 8.05 -27.13 -1.79
C ARG C 127 7.31 -25.80 -1.73
N PRO C 128 6.96 -25.23 -2.90
CA PRO C 128 6.23 -23.96 -2.87
C PRO C 128 4.82 -24.26 -2.35
N ASP C 129 4.21 -23.30 -1.65
CA ASP C 129 2.88 -23.52 -1.10
C ASP C 129 1.85 -23.95 -2.15
N GLU C 130 1.90 -23.34 -3.32
CA GLU C 130 0.94 -23.65 -4.39
C GLU C 130 1.00 -25.10 -4.85
N ALA C 131 2.18 -25.72 -4.78
CA ALA C 131 2.32 -27.10 -5.20
C ALA C 131 1.69 -28.03 -4.17
N VAL C 132 1.73 -27.62 -2.91
CA VAL C 132 1.16 -28.43 -1.83
C VAL C 132 -0.34 -28.24 -1.66
N TYR C 133 -0.79 -27.00 -1.71
CA TYR C 133 -2.21 -26.67 -1.52
C TYR C 133 -3.07 -26.57 -2.77
N GLY C 134 -2.46 -26.29 -3.91
CA GLY C 134 -3.24 -26.15 -5.13
C GLY C 134 -3.36 -24.70 -5.50
N LYS C 135 -3.97 -24.42 -6.65
CA LYS C 135 -4.13 -23.05 -7.14
C LYS C 135 -5.31 -22.28 -6.55
N GLY C 136 -6.53 -22.67 -6.92
CA GLY C 136 -7.70 -21.98 -6.42
C GLY C 136 -8.91 -22.89 -6.24
N ALA C 137 -9.66 -23.10 -7.32
CA ALA C 137 -10.83 -23.96 -7.26
C ALA C 137 -10.40 -25.35 -6.79
N LYS C 138 -9.16 -25.71 -7.11
CA LYS C 138 -8.61 -27.00 -6.74
C LYS C 138 -7.76 -26.89 -5.48
N ARG C 139 -7.92 -25.80 -4.74
CA ARG C 139 -7.15 -25.58 -3.52
C ARG C 139 -7.76 -26.34 -2.35
N ALA C 140 -6.90 -26.79 -1.43
CA ALA C 140 -7.35 -27.53 -0.27
C ALA C 140 -6.17 -27.98 0.60
N VAL C 141 -6.47 -28.32 1.85
CA VAL C 141 -5.45 -28.77 2.79
C VAL C 141 -5.29 -30.28 2.61
N PRO C 142 -4.05 -30.75 2.36
CA PRO C 142 -3.80 -32.18 2.19
C PRO C 142 -3.89 -32.96 3.49
N ASP C 143 -3.82 -34.28 3.41
CA ASP C 143 -3.89 -35.12 4.59
C ASP C 143 -2.72 -34.81 5.52
N GLU C 144 -2.89 -35.11 6.81
CA GLU C 144 -1.87 -34.82 7.80
C GLU C 144 -0.42 -35.14 7.44
N PRO C 145 -0.15 -36.35 6.92
CA PRO C 145 1.24 -36.71 6.56
C PRO C 145 1.91 -35.69 5.65
N VAL C 146 1.22 -35.32 4.58
CA VAL C 146 1.75 -34.36 3.61
C VAL C 146 1.84 -32.98 4.25
N LEU C 147 0.78 -32.59 4.96
CA LEU C 147 0.71 -31.29 5.62
C LEU C 147 1.87 -31.11 6.61
N ALA C 148 2.02 -32.07 7.51
CA ALA C 148 3.06 -32.03 8.53
C ALA C 148 4.46 -31.89 7.94
N GLU C 149 4.76 -32.69 6.93
CA GLU C 149 6.07 -32.63 6.29
C GLU C 149 6.33 -31.27 5.68
N HIS C 150 5.32 -30.70 5.03
CA HIS C 150 5.47 -29.39 4.41
C HIS C 150 5.73 -28.32 5.46
N LEU C 151 4.96 -28.31 6.54
CA LEU C 151 5.17 -27.30 7.58
C LEU C 151 6.53 -27.46 8.25
N VAL C 152 6.95 -28.70 8.45
CA VAL C 152 8.24 -28.94 9.07
C VAL C 152 9.38 -28.47 8.15
N ARG C 153 9.24 -28.73 6.85
CA ARG C 153 10.26 -28.30 5.90
C ARG C 153 10.32 -26.77 5.80
N LYS C 154 9.18 -26.10 5.92
CA LYS C 154 9.19 -24.64 5.87
C LYS C 154 9.88 -24.12 7.13
N ALA C 155 9.60 -24.76 8.26
CA ALA C 155 10.22 -24.37 9.53
C ALA C 155 11.73 -24.63 9.47
N ALA C 156 12.11 -25.75 8.88
CA ALA C 156 13.52 -26.11 8.76
C ALA C 156 14.24 -25.09 7.88
N ALA C 157 13.59 -24.65 6.81
CA ALA C 157 14.19 -23.68 5.89
C ALA C 157 14.41 -22.37 6.63
N ILE C 158 13.39 -21.91 7.35
CA ILE C 158 13.50 -20.67 8.11
C ILE C 158 14.66 -20.75 9.10
N TRP C 159 14.77 -21.88 9.77
CA TRP C 159 15.83 -22.13 10.77
C TRP C 159 17.22 -21.99 10.14
N GLU C 160 17.39 -22.54 8.95
CA GLU C 160 18.67 -22.49 8.24
C GLU C 160 18.96 -21.16 7.57
N LEU C 161 17.93 -20.52 7.03
CA LEU C 161 18.09 -19.27 6.28
C LEU C 161 18.26 -17.99 7.08
N GLU C 162 17.92 -17.99 8.36
CA GLU C 162 18.04 -16.78 9.17
C GLU C 162 19.42 -16.12 9.12
N ARG C 163 20.45 -16.88 9.46
CA ARG C 163 21.80 -16.33 9.46
C ARG C 163 22.21 -15.78 8.10
N PRO C 164 22.06 -16.58 7.02
CA PRO C 164 22.42 -16.10 5.69
C PRO C 164 21.72 -14.80 5.30
N PHE C 165 20.41 -14.73 5.56
CA PHE C 165 19.67 -13.52 5.21
C PHE C 165 20.12 -12.34 6.07
N LEU C 166 20.29 -12.55 7.37
CA LEU C 166 20.71 -11.46 8.24
C LEU C 166 22.10 -10.94 7.82
N ASP C 167 22.97 -11.85 7.40
CA ASP C 167 24.31 -11.46 6.99
C ASP C 167 24.28 -10.55 5.76
N GLU C 168 23.47 -10.89 4.76
CA GLU C 168 23.41 -10.04 3.58
C GLU C 168 22.77 -8.69 3.93
N LEU C 169 21.74 -8.71 4.78
CA LEU C 169 21.09 -7.46 5.17
C LEU C 169 22.12 -6.54 5.83
N ARG C 170 22.94 -7.11 6.72
CA ARG C 170 23.97 -6.31 7.39
C ARG C 170 24.95 -5.73 6.36
N ARG C 171 25.36 -6.56 5.41
CA ARG C 171 26.27 -6.09 4.37
C ARG C 171 25.64 -4.96 3.58
N ASN C 172 24.32 -5.02 3.41
CA ASN C 172 23.55 -4.00 2.68
C ASN C 172 23.21 -2.80 3.56
N GLU C 173 23.58 -2.86 4.84
CA GLU C 173 23.26 -1.81 5.79
C GLU C 173 21.74 -1.74 5.98
N GLN C 174 21.09 -2.89 5.93
CA GLN C 174 19.64 -2.97 6.08
C GLN C 174 19.19 -3.75 7.31
N ASP C 175 20.14 -4.11 8.17
CA ASP C 175 19.80 -4.86 9.37
C ASP C 175 18.85 -4.10 10.28
N ARG C 176 19.11 -2.81 10.49
CA ARG C 176 18.24 -2.00 11.33
C ARG C 176 16.91 -1.76 10.62
N LEU C 177 16.95 -1.64 9.29
CA LEU C 177 15.71 -1.45 8.53
C LEU C 177 14.75 -2.62 8.83
N LEU C 178 15.29 -3.83 8.92
CA LEU C 178 14.45 -4.99 9.23
C LEU C 178 14.05 -5.04 10.72
N VAL C 179 15.05 -5.06 11.60
CA VAL C 179 14.80 -5.17 13.03
C VAL C 179 14.17 -3.97 13.73
N GLU C 180 14.49 -2.76 13.29
CA GLU C 180 13.95 -1.56 13.93
C GLU C 180 12.80 -0.87 13.21
N LEU C 181 12.57 -1.21 11.94
CA LEU C 181 11.49 -0.57 11.21
C LEU C 181 10.39 -1.55 10.75
N GLU C 182 10.70 -2.42 9.79
CA GLU C 182 9.70 -3.36 9.25
C GLU C 182 9.11 -4.35 10.25
N GLN C 183 9.93 -5.01 11.05
CA GLN C 183 9.37 -5.97 11.98
C GLN C 183 8.49 -5.30 13.04
N PRO C 184 8.97 -4.20 13.65
CA PRO C 184 8.11 -3.55 14.66
C PRO C 184 6.83 -3.05 14.00
N LEU C 185 6.95 -2.57 12.76
CA LEU C 185 5.78 -2.09 12.03
C LEU C 185 4.78 -3.21 11.78
N SER C 186 5.29 -4.42 11.53
CA SER C 186 4.42 -5.56 11.27
C SER C 186 3.46 -5.81 12.43
N SER C 187 3.93 -5.63 13.65
CA SER C 187 3.10 -5.82 14.84
C SER C 187 2.03 -4.75 14.94
N ILE C 188 2.38 -3.53 14.57
CA ILE C 188 1.46 -2.40 14.59
C ILE C 188 0.36 -2.61 13.55
N LEU C 189 0.74 -3.09 12.37
CA LEU C 189 -0.23 -3.34 11.31
C LEU C 189 -1.18 -4.46 11.74
N ALA C 190 -0.65 -5.48 12.40
CA ALA C 190 -1.49 -6.58 12.88
C ALA C 190 -2.58 -6.04 13.80
N GLU C 191 -2.20 -5.10 14.67
CA GLU C 191 -3.13 -4.49 15.60
C GLU C 191 -4.20 -3.69 14.86
N MET C 192 -3.76 -2.91 13.87
CA MET C 192 -4.68 -2.10 13.07
C MET C 192 -5.70 -2.95 12.31
N GLU C 193 -5.23 -4.01 11.68
CA GLU C 193 -6.11 -4.89 10.90
C GLU C 193 -7.14 -5.55 11.81
N PHE C 194 -6.67 -6.06 12.94
CA PHE C 194 -7.54 -6.73 13.91
C PHE C 194 -8.59 -5.79 14.48
N ALA C 195 -8.17 -4.56 14.81
CA ALA C 195 -9.08 -3.57 15.36
C ALA C 195 -10.19 -3.30 14.35
N GLY C 196 -9.80 -3.13 13.09
CA GLY C 196 -10.76 -2.87 12.04
C GLY C 196 -11.35 -1.48 12.09
N VAL C 197 -12.22 -1.17 11.13
CA VAL C 197 -12.88 0.12 11.05
C VAL C 197 -14.38 -0.13 10.97
N LYS C 198 -15.14 0.54 11.83
CA LYS C 198 -16.59 0.38 11.87
C LYS C 198 -17.24 1.01 10.65
N VAL C 199 -18.23 0.33 10.08
CA VAL C 199 -18.94 0.83 8.92
C VAL C 199 -20.43 1.01 9.20
N ASP C 200 -20.98 2.14 8.75
CA ASP C 200 -22.39 2.42 8.91
C ASP C 200 -23.04 1.73 7.71
N THR C 201 -23.36 0.45 7.85
CA THR C 201 -23.95 -0.27 6.73
C THR C 201 -25.31 0.28 6.29
N LYS C 202 -26.09 0.78 7.23
CA LYS C 202 -27.40 1.33 6.87
C LYS C 202 -27.21 2.52 5.95
N ARG C 203 -26.22 3.36 6.25
CA ARG C 203 -25.94 4.52 5.43
C ARG C 203 -25.56 4.08 4.02
N LEU C 204 -24.66 3.10 3.93
CA LEU C 204 -24.22 2.59 2.62
C LEU C 204 -25.41 2.09 1.82
N GLU C 205 -26.28 1.32 2.47
CA GLU C 205 -27.46 0.77 1.79
C GLU C 205 -28.38 1.89 1.30
N GLN C 206 -28.53 2.95 2.10
CA GLN C 206 -29.37 4.07 1.72
C GLN C 206 -28.80 4.67 0.43
N MET C 207 -27.48 4.86 0.40
CA MET C 207 -26.81 5.41 -0.77
C MET C 207 -27.01 4.51 -1.98
N GLY C 208 -26.85 3.21 -1.79
CA GLY C 208 -27.02 2.27 -2.88
C GLY C 208 -28.42 2.38 -3.47
N LYS C 209 -29.40 2.59 -2.61
CA LYS C 209 -30.79 2.73 -3.04
C LYS C 209 -30.91 3.91 -4.01
N GLU C 210 -30.37 5.05 -3.60
CA GLU C 210 -30.42 6.24 -4.43
C GLU C 210 -29.65 6.08 -5.74
N LEU C 211 -28.52 5.38 -5.69
CA LEU C 211 -27.72 5.16 -6.88
C LEU C 211 -28.49 4.31 -7.89
N ALA C 212 -29.07 3.21 -7.42
CA ALA C 212 -29.83 2.32 -8.28
C ALA C 212 -30.93 3.08 -9.02
N GLU C 213 -31.50 4.08 -8.36
CA GLU C 213 -32.56 4.88 -8.95
C GLU C 213 -32.02 5.81 -10.02
N GLN C 214 -30.99 6.57 -9.68
CA GLN C 214 -30.38 7.51 -10.63
C GLN C 214 -29.78 6.74 -11.80
N LEU C 215 -29.27 5.54 -11.51
CA LEU C 215 -28.66 4.69 -12.52
C LEU C 215 -29.72 4.20 -13.50
N GLY C 216 -30.87 3.79 -12.98
CA GLY C 216 -31.94 3.30 -13.84
C GLY C 216 -32.42 4.39 -14.78
N THR C 217 -32.45 5.62 -14.30
CA THR C 217 -32.90 6.75 -15.10
C THR C 217 -31.92 7.01 -16.25
N VAL C 218 -30.63 7.07 -15.91
CA VAL C 218 -29.59 7.33 -16.90
C VAL C 218 -29.49 6.25 -17.98
N GLU C 219 -29.49 4.98 -17.56
CA GLU C 219 -29.38 3.89 -18.52
C GLU C 219 -30.50 3.98 -19.55
N GLN C 220 -31.71 4.31 -19.08
CA GLN C 220 -32.85 4.43 -19.97
C GLN C 220 -32.65 5.59 -20.93
N ARG C 221 -32.10 6.69 -20.42
CA ARG C 221 -31.84 7.87 -21.21
C ARG C 221 -30.83 7.50 -22.31
N ILE C 222 -29.85 6.69 -21.94
CA ILE C 222 -28.82 6.25 -22.88
C ILE C 222 -29.42 5.40 -24.00
N TYR C 223 -30.40 4.56 -23.65
CA TYR C 223 -31.03 3.70 -24.65
C TYR C 223 -31.84 4.50 -25.66
N GLU C 224 -32.45 5.59 -25.21
CA GLU C 224 -33.25 6.41 -26.12
C GLU C 224 -32.35 7.22 -27.04
N LEU C 225 -31.21 7.68 -26.51
CA LEU C 225 -30.27 8.46 -27.31
C LEU C 225 -29.55 7.56 -28.31
N ALA C 226 -29.54 6.27 -28.04
CA ALA C 226 -28.88 5.30 -28.90
C ALA C 226 -29.90 4.66 -29.85
N GLY C 227 -31.18 4.84 -29.53
CA GLY C 227 -32.22 4.27 -30.36
C GLY C 227 -32.34 2.77 -30.19
N GLN C 228 -31.75 2.24 -29.13
CA GLN C 228 -31.79 0.81 -28.87
C GLN C 228 -31.12 0.48 -27.53
N GLU C 229 -31.41 -0.71 -27.02
CA GLU C 229 -30.82 -1.14 -25.75
C GLU C 229 -29.59 -2.01 -26.04
N PHE C 230 -28.62 -1.93 -25.15
CA PHE C 230 -27.39 -2.71 -25.29
C PHE C 230 -26.69 -2.72 -23.94
N ASN C 231 -25.64 -3.51 -23.80
CA ASN C 231 -24.91 -3.56 -22.54
C ASN C 231 -23.88 -2.44 -22.49
N ILE C 232 -24.28 -1.33 -21.86
CA ILE C 232 -23.42 -0.16 -21.72
C ILE C 232 -22.08 -0.54 -21.09
N ASN C 233 -22.11 -1.53 -20.21
CA ASN C 233 -20.89 -1.99 -19.52
C ASN C 233 -20.03 -2.84 -20.44
N SER C 234 -20.52 -3.10 -21.65
CA SER C 234 -19.78 -3.88 -22.63
C SER C 234 -19.05 -2.97 -23.60
N PRO C 235 -17.74 -2.77 -23.39
CA PRO C 235 -16.94 -1.90 -24.26
C PRO C 235 -17.05 -2.28 -25.74
N LYS C 236 -17.40 -3.53 -26.01
CA LYS C 236 -17.55 -3.99 -27.38
C LYS C 236 -18.87 -3.52 -27.95
N GLN C 237 -19.94 -3.71 -27.19
CA GLN C 237 -21.27 -3.30 -27.62
C GLN C 237 -21.35 -1.78 -27.67
N LEU C 238 -20.69 -1.13 -26.71
CA LEU C 238 -20.68 0.32 -26.64
C LEU C 238 -19.92 0.89 -27.83
N GLY C 239 -18.79 0.27 -28.15
CA GLY C 239 -17.98 0.73 -29.27
C GLY C 239 -18.75 0.73 -30.58
N VAL C 240 -19.61 -0.26 -30.77
CA VAL C 240 -20.40 -0.35 -32.00
C VAL C 240 -21.38 0.82 -32.06
N ILE C 241 -22.07 1.06 -30.95
CA ILE C 241 -23.04 2.14 -30.87
C ILE C 241 -22.40 3.50 -31.14
N LEU C 242 -21.27 3.75 -30.47
CA LEU C 242 -20.58 5.02 -30.60
C LEU C 242 -19.84 5.29 -31.90
N PHE C 243 -18.99 4.35 -32.30
CA PHE C 243 -18.17 4.54 -33.50
C PHE C 243 -18.70 4.01 -34.82
N GLU C 244 -19.82 3.30 -34.78
CA GLU C 244 -20.40 2.77 -36.00
C GLU C 244 -21.78 3.38 -36.24
N LYS C 245 -22.71 3.11 -35.32
CA LYS C 245 -24.07 3.65 -35.45
C LYS C 245 -24.12 5.17 -35.39
N LEU C 246 -23.42 5.76 -34.41
CA LEU C 246 -23.42 7.20 -34.24
C LEU C 246 -22.29 7.89 -34.98
N GLN C 247 -21.41 7.09 -35.59
CA GLN C 247 -20.31 7.62 -36.38
C GLN C 247 -19.38 8.59 -35.66
N LEU C 248 -19.21 8.44 -34.36
CA LEU C 248 -18.32 9.34 -33.64
C LEU C 248 -16.87 9.13 -34.09
N PRO C 249 -16.07 10.20 -34.06
CA PRO C 249 -14.66 10.13 -34.47
C PRO C 249 -13.85 9.12 -33.65
N VAL C 250 -13.11 8.26 -34.32
CA VAL C 250 -12.28 7.28 -33.65
C VAL C 250 -10.91 7.92 -33.44
N LEU C 251 -10.74 8.56 -32.29
CA LEU C 251 -9.49 9.23 -31.97
C LEU C 251 -8.50 8.30 -31.29
N LYS C 252 -9.03 7.31 -30.59
CA LYS C 252 -8.19 6.35 -29.87
C LYS C 252 -8.64 4.92 -30.14
N LYS C 253 -7.67 4.04 -30.41
CA LYS C 253 -7.97 2.64 -30.68
C LYS C 253 -7.31 1.78 -29.61
N THR C 254 -7.92 0.63 -29.31
CA THR C 254 -7.36 -0.28 -28.32
C THR C 254 -6.90 -1.54 -29.04
N LYS C 255 -6.32 -2.48 -28.29
CA LYS C 255 -5.83 -3.72 -28.87
C LYS C 255 -6.93 -4.51 -29.58
N THR C 256 -8.01 -4.80 -28.87
CA THR C 256 -9.11 -5.58 -29.43
C THR C 256 -10.14 -4.79 -30.22
N GLY C 257 -10.17 -3.48 -30.04
CA GLY C 257 -11.15 -2.67 -30.77
C GLY C 257 -11.10 -1.17 -30.53
N TYR C 258 -12.27 -0.58 -30.33
CA TYR C 258 -12.39 0.86 -30.09
C TYR C 258 -12.11 1.23 -28.64
N SER C 259 -11.44 2.36 -28.44
CA SER C 259 -11.14 2.83 -27.10
C SER C 259 -12.31 3.67 -26.57
N THR C 260 -12.78 3.35 -25.38
CA THR C 260 -13.88 4.08 -24.77
C THR C 260 -13.47 4.67 -23.43
N SER C 261 -12.19 5.00 -23.33
CA SER C 261 -11.65 5.59 -22.10
C SER C 261 -12.40 6.88 -21.79
N ALA C 262 -12.54 7.19 -20.50
CA ALA C 262 -13.24 8.40 -20.07
C ALA C 262 -12.66 9.67 -20.69
N ASP C 263 -11.34 9.72 -20.82
CA ASP C 263 -10.70 10.89 -21.40
C ASP C 263 -11.01 10.96 -22.89
N VAL C 264 -11.19 9.79 -23.51
CA VAL C 264 -11.54 9.73 -24.92
C VAL C 264 -12.95 10.28 -25.09
N LEU C 265 -13.86 9.75 -24.27
CA LEU C 265 -15.26 10.16 -24.30
C LEU C 265 -15.41 11.65 -23.98
N GLU C 266 -14.54 12.14 -23.11
CA GLU C 266 -14.57 13.54 -22.72
C GLU C 266 -14.48 14.43 -23.96
N LYS C 267 -13.65 14.01 -24.92
CA LYS C 267 -13.45 14.75 -26.16
C LYS C 267 -14.56 14.54 -27.17
N LEU C 268 -15.33 13.47 -26.99
CA LEU C 268 -16.42 13.16 -27.91
C LEU C 268 -17.76 13.77 -27.47
N ALA C 269 -17.80 14.25 -26.23
CA ALA C 269 -19.02 14.82 -25.67
C ALA C 269 -19.72 15.84 -26.58
N PRO C 270 -18.96 16.77 -27.19
CA PRO C 270 -19.55 17.79 -28.07
C PRO C 270 -20.31 17.22 -29.27
N TYR C 271 -19.89 16.05 -29.74
CA TYR C 271 -20.50 15.41 -30.91
C TYR C 271 -21.87 14.79 -30.68
N HIS C 272 -22.11 14.26 -29.48
CA HIS C 272 -23.40 13.63 -29.22
C HIS C 272 -23.74 13.61 -27.73
N GLU C 273 -25.01 13.90 -27.44
CA GLU C 273 -25.50 13.95 -26.06
C GLU C 273 -25.38 12.65 -25.29
N ILE C 274 -25.27 11.53 -25.99
CA ILE C 274 -25.16 10.23 -25.35
C ILE C 274 -23.86 10.09 -24.55
N VAL C 275 -22.79 10.73 -25.02
CA VAL C 275 -21.51 10.64 -24.35
C VAL C 275 -21.52 11.08 -22.88
N GLU C 276 -22.07 12.26 -22.61
CA GLU C 276 -22.13 12.76 -21.24
C GLU C 276 -22.91 11.76 -20.37
N ASN C 277 -23.97 11.19 -20.93
CA ASN C 277 -24.79 10.22 -20.21
C ASN C 277 -24.03 8.94 -19.89
N ILE C 278 -23.22 8.48 -20.83
CA ILE C 278 -22.43 7.26 -20.64
C ILE C 278 -21.39 7.53 -19.55
N LEU C 279 -20.85 8.75 -19.55
CA LEU C 279 -19.86 9.14 -18.56
C LEU C 279 -20.50 9.13 -17.17
N HIS C 280 -21.65 9.78 -17.06
CA HIS C 280 -22.38 9.85 -15.80
C HIS C 280 -22.76 8.43 -15.35
N TYR C 281 -23.11 7.59 -16.31
CA TYR C 281 -23.50 6.21 -16.02
C TYR C 281 -22.36 5.41 -15.40
N ARG C 282 -21.17 5.51 -15.99
CA ARG C 282 -20.02 4.79 -15.47
C ARG C 282 -19.66 5.30 -14.09
N GLN C 283 -19.83 6.61 -13.88
CA GLN C 283 -19.55 7.24 -12.61
C GLN C 283 -20.40 6.56 -11.53
N LEU C 284 -21.71 6.56 -11.75
CA LEU C 284 -22.64 5.96 -10.82
C LEU C 284 -22.40 4.47 -10.63
N GLY C 285 -22.23 3.76 -11.75
CA GLY C 285 -21.99 2.32 -11.68
C GLY C 285 -20.74 1.96 -10.91
N LYS C 286 -19.72 2.81 -11.01
CA LYS C 286 -18.47 2.59 -10.31
C LYS C 286 -18.69 2.62 -8.79
N LEU C 287 -19.38 3.65 -8.33
CA LEU C 287 -19.68 3.81 -6.91
C LEU C 287 -20.56 2.66 -6.41
N GLN C 288 -21.57 2.31 -7.20
CA GLN C 288 -22.49 1.24 -6.82
C GLN C 288 -21.82 -0.12 -6.69
N SER C 289 -21.22 -0.59 -7.78
CA SER C 289 -20.55 -1.89 -7.80
C SER C 289 -19.30 -2.00 -6.94
N THR C 290 -18.41 -1.03 -7.06
CA THR C 290 -17.16 -1.06 -6.32
C THR C 290 -17.17 -0.54 -4.89
N TYR C 291 -17.76 0.64 -4.69
CA TYR C 291 -17.75 1.23 -3.36
C TYR C 291 -18.97 1.06 -2.46
N ILE C 292 -20.06 0.50 -2.99
CA ILE C 292 -21.24 0.26 -2.18
C ILE C 292 -21.40 -1.23 -1.99
N GLU C 293 -21.64 -1.96 -3.07
CA GLU C 293 -21.79 -3.41 -3.02
C GLU C 293 -20.47 -4.07 -2.62
N GLY C 294 -19.38 -3.62 -3.25
CA GLY C 294 -18.08 -4.18 -2.95
C GLY C 294 -17.65 -4.01 -1.50
N LEU C 295 -18.01 -2.89 -0.91
CA LEU C 295 -17.66 -2.60 0.48
C LEU C 295 -18.53 -3.43 1.41
N LEU C 296 -19.83 -3.45 1.13
CA LEU C 296 -20.78 -4.21 1.92
C LEU C 296 -20.43 -5.70 1.95
N LYS C 297 -19.83 -6.20 0.89
CA LYS C 297 -19.46 -7.62 0.81
C LYS C 297 -18.36 -8.03 1.78
N VAL C 298 -17.48 -7.08 2.14
CA VAL C 298 -16.39 -7.41 3.04
C VAL C 298 -16.56 -6.94 4.47
N VAL C 299 -17.72 -6.36 4.79
CA VAL C 299 -17.98 -5.91 6.16
C VAL C 299 -18.42 -7.14 6.94
N ARG C 300 -17.83 -7.36 8.11
CA ARG C 300 -18.20 -8.50 8.95
C ARG C 300 -19.56 -8.17 9.55
N PRO C 301 -20.58 -8.98 9.26
CA PRO C 301 -21.93 -8.74 9.78
C PRO C 301 -22.11 -8.77 11.29
N ASP C 302 -21.25 -9.52 11.97
CA ASP C 302 -21.36 -9.64 13.43
C ASP C 302 -20.68 -8.52 14.22
N THR C 303 -19.87 -7.71 13.56
CA THR C 303 -19.19 -6.62 14.25
C THR C 303 -19.36 -5.30 13.50
N LYS C 304 -19.82 -5.40 12.26
CA LYS C 304 -20.03 -4.22 11.43
C LYS C 304 -18.72 -3.49 11.12
N LYS C 305 -17.64 -4.25 11.03
CA LYS C 305 -16.32 -3.67 10.74
C LYS C 305 -15.68 -4.32 9.51
N VAL C 306 -14.79 -3.56 8.85
CA VAL C 306 -14.03 -4.11 7.74
C VAL C 306 -12.64 -4.28 8.35
N HIS C 307 -12.00 -5.39 8.01
CA HIS C 307 -10.68 -5.70 8.52
C HIS C 307 -9.77 -5.89 7.31
N THR C 308 -9.15 -4.79 6.88
CA THR C 308 -8.28 -4.82 5.72
C THR C 308 -7.04 -5.65 6.02
N ILE C 309 -6.28 -5.95 4.98
CA ILE C 309 -5.03 -6.67 5.16
C ILE C 309 -4.00 -5.80 4.46
N PHE C 310 -3.01 -5.35 5.21
CA PHE C 310 -1.95 -4.53 4.64
C PHE C 310 -0.84 -5.43 4.08
N ASN C 311 -0.53 -5.27 2.80
CA ASN C 311 0.56 -6.07 2.24
C ASN C 311 1.82 -5.25 2.43
N GLN C 312 2.65 -5.70 3.37
CA GLN C 312 3.88 -5.02 3.72
C GLN C 312 5.08 -5.43 2.85
N ALA C 313 4.91 -6.45 2.03
CA ALA C 313 6.01 -6.93 1.20
C ALA C 313 5.64 -7.05 -0.27
N LEU C 314 5.09 -5.97 -0.82
CA LEU C 314 4.69 -5.99 -2.22
C LEU C 314 5.31 -4.93 -3.12
N THR C 315 5.10 -3.66 -2.77
CA THR C 315 5.60 -2.56 -3.59
C THR C 315 7.10 -2.40 -3.72
N GLN C 316 7.52 -1.91 -4.87
CA GLN C 316 8.94 -1.69 -5.16
C GLN C 316 9.42 -0.39 -4.55
N THR C 317 8.50 0.39 -3.99
CA THR C 317 8.89 1.66 -3.38
C THR C 317 8.92 1.60 -1.85
N GLY C 318 8.31 0.58 -1.27
CA GLY C 318 8.31 0.49 0.18
C GLY C 318 7.00 0.97 0.80
N ARG C 319 6.08 1.44 -0.05
CA ARG C 319 4.78 1.89 0.44
C ARG C 319 3.93 0.65 0.73
N LEU C 320 2.96 0.80 1.62
CA LEU C 320 2.07 -0.30 1.97
C LEU C 320 0.92 -0.30 0.97
N SER C 321 0.24 -1.44 0.84
CA SER C 321 -0.93 -1.54 -0.03
C SER C 321 -1.93 -2.28 0.86
N SER C 322 -3.21 -2.23 0.51
CA SER C 322 -4.21 -2.92 1.32
C SER C 322 -5.28 -3.54 0.44
N THR C 323 -5.91 -4.60 0.94
CA THR C 323 -6.96 -5.29 0.21
C THR C 323 -8.08 -5.76 1.12
N GLU C 324 -9.23 -6.06 0.51
CA GLU C 324 -10.39 -6.58 1.23
C GLU C 324 -10.79 -5.90 2.53
N PRO C 325 -11.12 -4.61 2.47
CA PRO C 325 -11.12 -3.83 1.24
C PRO C 325 -9.86 -2.98 1.08
N ASN C 326 -9.72 -2.39 -0.10
CA ASN C 326 -8.62 -1.50 -0.38
C ASN C 326 -9.14 -0.13 0.03
N LEU C 327 -8.66 0.39 1.16
CA LEU C 327 -9.13 1.69 1.63
C LEU C 327 -8.25 2.83 1.13
N GLN C 328 -7.30 2.50 0.26
CA GLN C 328 -6.41 3.52 -0.26
C GLN C 328 -6.87 4.16 -1.55
N ASN C 329 -8.10 3.84 -1.97
CA ASN C 329 -8.65 4.45 -3.18
C ASN C 329 -10.13 4.82 -3.05
N ILE C 330 -10.57 5.08 -1.81
CA ILE C 330 -11.95 5.48 -1.55
C ILE C 330 -12.12 6.89 -2.14
N PRO C 331 -13.18 7.11 -2.94
CA PRO C 331 -13.47 8.39 -3.58
C PRO C 331 -13.34 9.63 -2.69
N ILE C 332 -12.87 10.73 -3.29
CA ILE C 332 -12.71 11.98 -2.56
C ILE C 332 -12.77 13.21 -3.47
N ARG C 333 -12.32 13.05 -4.72
CA ARG C 333 -12.32 14.17 -5.67
C ARG C 333 -13.71 14.70 -5.96
N LEU C 334 -14.64 13.81 -6.31
CA LEU C 334 -16.00 14.20 -6.61
C LEU C 334 -16.87 14.01 -5.36
N GLU C 335 -17.67 15.01 -5.04
CA GLU C 335 -18.53 14.98 -3.86
C GLU C 335 -19.46 13.76 -3.82
N GLU C 336 -19.96 13.35 -4.98
CA GLU C 336 -20.86 12.20 -5.04
C GLU C 336 -20.21 10.96 -4.44
N GLY C 337 -18.96 10.74 -4.78
CA GLY C 337 -18.24 9.58 -4.26
C GLY C 337 -17.66 9.84 -2.88
N ARG C 338 -17.30 11.09 -2.61
CA ARG C 338 -16.71 11.46 -1.33
C ARG C 338 -17.64 11.13 -0.16
N LYS C 339 -18.95 11.25 -0.38
CA LYS C 339 -19.92 10.96 0.68
C LYS C 339 -19.81 9.52 1.17
N ILE C 340 -19.17 8.66 0.36
CA ILE C 340 -18.97 7.27 0.75
C ILE C 340 -18.24 7.23 2.10
N ARG C 341 -17.33 8.18 2.29
CA ARG C 341 -16.54 8.25 3.51
C ARG C 341 -17.33 8.52 4.78
N GLN C 342 -18.59 8.92 4.63
CA GLN C 342 -19.44 9.19 5.78
C GLN C 342 -19.83 7.87 6.44
N ALA C 343 -19.65 6.76 5.71
CA ALA C 343 -20.00 5.44 6.22
C ALA C 343 -18.92 4.83 7.11
N PHE C 344 -17.75 5.47 7.17
CA PHE C 344 -16.69 4.98 8.02
C PHE C 344 -16.76 5.79 9.31
N VAL C 345 -17.11 5.12 10.41
CA VAL C 345 -17.29 5.80 11.68
C VAL C 345 -16.48 5.24 12.83
N PRO C 346 -16.47 5.95 13.98
CA PRO C 346 -15.72 5.47 15.15
C PRO C 346 -16.34 4.15 15.61
N SER C 347 -15.53 3.30 16.23
CA SER C 347 -16.03 1.99 16.69
C SER C 347 -16.72 2.07 18.05
N GLU C 348 -16.60 3.21 18.72
CA GLU C 348 -17.21 3.39 20.04
C GLU C 348 -18.02 4.68 20.08
N SER C 349 -19.03 4.71 20.95
CA SER C 349 -19.85 5.91 21.08
C SER C 349 -18.99 7.00 21.72
N ASP C 350 -19.22 8.25 21.33
CA ASP C 350 -18.47 9.37 21.88
C ASP C 350 -17.01 9.38 21.46
N TRP C 351 -16.69 8.64 20.41
CA TRP C 351 -15.32 8.59 19.87
C TRP C 351 -15.36 9.34 18.56
N LEU C 352 -14.19 9.77 18.07
CA LEU C 352 -14.14 10.49 16.82
C LEU C 352 -13.00 9.99 15.94
N ILE C 353 -13.02 10.38 14.67
CA ILE C 353 -11.97 10.00 13.71
C ILE C 353 -11.01 11.19 13.62
N PHE C 354 -9.72 10.90 13.68
CA PHE C 354 -8.67 11.93 13.59
C PHE C 354 -7.73 11.51 12.46
N ALA C 355 -7.47 12.43 11.53
CA ALA C 355 -6.59 12.14 10.39
C ALA C 355 -5.49 13.20 10.29
N ALA C 356 -4.26 12.74 10.12
CA ALA C 356 -3.14 13.68 9.98
C ALA C 356 -2.39 13.28 8.72
N ASP C 357 -2.08 14.26 7.87
CA ASP C 357 -1.37 13.99 6.62
C ASP C 357 -0.17 14.88 6.40
N TYR C 358 0.87 14.29 5.84
CA TYR C 358 2.08 15.04 5.52
C TYR C 358 1.75 15.95 4.33
N SER C 359 2.18 17.20 4.41
CA SER C 359 1.96 18.13 3.33
C SER C 359 3.20 18.13 2.43
N GLN C 360 3.00 17.74 1.17
CA GLN C 360 4.05 17.68 0.16
C GLN C 360 5.31 16.99 0.66
N ILE C 361 5.17 15.83 1.30
CA ILE C 361 6.36 15.15 1.80
C ILE C 361 7.29 14.74 0.66
N GLU C 362 6.75 14.36 -0.50
CA GLU C 362 7.60 13.96 -1.64
C GLU C 362 8.50 15.09 -2.15
N LEU C 363 7.94 16.29 -2.30
CA LEU C 363 8.74 17.40 -2.79
C LEU C 363 9.71 17.91 -1.72
N ARG C 364 9.35 17.74 -0.44
CA ARG C 364 10.24 18.16 0.64
C ARG C 364 11.43 17.20 0.68
N VAL C 365 11.15 15.92 0.49
CA VAL C 365 12.21 14.91 0.45
C VAL C 365 13.11 15.22 -0.76
N LEU C 366 12.50 15.61 -1.89
CA LEU C 366 13.30 15.93 -3.07
C LEU C 366 14.21 17.13 -2.77
N ALA C 367 13.68 18.12 -2.07
CA ALA C 367 14.49 19.31 -1.73
C ALA C 367 15.69 18.88 -0.90
N HIS C 368 15.44 17.98 0.04
CA HIS C 368 16.46 17.47 0.93
C HIS C 368 17.56 16.68 0.21
N ILE C 369 17.17 15.69 -0.58
CA ILE C 369 18.15 14.87 -1.28
C ILE C 369 18.93 15.60 -2.37
N ALA C 370 18.25 16.49 -3.10
CA ALA C 370 18.90 17.22 -4.18
C ALA C 370 19.66 18.43 -3.64
N GLU C 371 19.28 18.89 -2.46
CA GLU C 371 19.90 20.06 -1.85
C GLU C 371 19.82 21.22 -2.83
N ASP C 372 18.64 21.40 -3.41
CA ASP C 372 18.41 22.49 -4.35
C ASP C 372 18.09 23.71 -3.50
N ASP C 373 18.93 24.75 -3.61
CA ASP C 373 18.74 25.95 -2.80
C ASP C 373 17.38 26.61 -2.94
N ASN C 374 16.90 26.73 -4.17
CA ASN C 374 15.61 27.36 -4.42
C ASN C 374 14.46 26.58 -3.81
N LEU C 375 14.47 25.27 -3.99
CA LEU C 375 13.41 24.41 -3.47
C LEU C 375 13.42 24.34 -1.94
N MET C 376 14.61 24.23 -1.35
CA MET C 376 14.71 24.19 0.11
C MET C 376 14.21 25.51 0.68
N GLU C 377 14.65 26.62 0.10
CA GLU C 377 14.21 27.95 0.57
C GLU C 377 12.69 28.05 0.47
N ALA C 378 12.13 27.53 -0.63
CA ALA C 378 10.69 27.56 -0.82
C ALA C 378 9.97 26.91 0.35
N PHE C 379 10.43 25.73 0.74
CA PHE C 379 9.80 25.03 1.87
C PHE C 379 10.12 25.68 3.21
N ARG C 380 11.29 26.31 3.30
CA ARG C 380 11.65 26.97 4.55
C ARG C 380 10.70 28.14 4.77
N ARG C 381 10.20 28.72 3.68
CA ARG C 381 9.25 29.82 3.80
C ARG C 381 7.83 29.28 3.83
N ASP C 382 7.69 27.95 3.72
CA ASP C 382 6.38 27.29 3.70
C ASP C 382 5.49 27.89 2.63
N LEU C 383 6.06 28.09 1.44
CA LEU C 383 5.34 28.64 0.30
C LEU C 383 4.46 27.59 -0.35
N ASP C 384 3.44 28.03 -1.08
CA ASP C 384 2.59 27.08 -1.82
C ASP C 384 3.55 26.73 -2.96
N ILE C 385 4.06 25.50 -2.96
CA ILE C 385 5.05 25.14 -3.97
C ILE C 385 4.59 25.11 -5.42
N HIS C 386 3.30 24.94 -5.68
CA HIS C 386 2.83 24.92 -7.05
C HIS C 386 2.78 26.36 -7.60
N THR C 387 2.36 27.29 -6.75
CA THR C 387 2.31 28.69 -7.15
C THR C 387 3.74 29.18 -7.34
N LYS C 388 4.63 28.76 -6.44
CA LYS C 388 6.02 29.14 -6.52
C LYS C 388 6.67 28.63 -7.80
N THR C 389 6.39 27.38 -8.17
CA THR C 389 6.95 26.81 -9.38
C THR C 389 6.41 27.57 -10.59
N ALA C 390 5.13 27.94 -10.54
CA ALA C 390 4.51 28.68 -11.64
C ALA C 390 5.23 30.02 -11.82
N MET C 391 5.43 30.75 -10.73
CA MET C 391 6.10 32.04 -10.79
C MET C 391 7.48 31.91 -11.43
N ASP C 392 8.19 30.84 -11.07
CA ASP C 392 9.52 30.61 -11.59
C ASP C 392 9.59 30.20 -13.06
N ILE C 393 8.90 29.12 -13.42
CA ILE C 393 8.94 28.66 -14.80
C ILE C 393 8.29 29.62 -15.79
N PHE C 394 7.28 30.36 -15.34
CA PHE C 394 6.60 31.31 -16.22
C PHE C 394 7.09 32.74 -16.04
N GLN C 395 8.03 32.94 -15.11
CA GLN C 395 8.60 34.25 -14.85
C GLN C 395 7.58 35.34 -14.54
N VAL C 396 6.69 35.08 -13.58
CA VAL C 396 5.68 36.06 -13.20
C VAL C 396 5.62 36.22 -11.68
N SER C 397 4.86 37.21 -11.23
CA SER C 397 4.70 37.45 -9.79
C SER C 397 3.53 36.63 -9.29
N GLU C 398 3.47 36.39 -7.99
CA GLU C 398 2.39 35.58 -7.41
C GLU C 398 1.01 36.05 -7.81
N ASP C 399 0.87 37.35 -8.05
CA ASP C 399 -0.42 37.92 -8.43
C ASP C 399 -0.74 37.64 -9.90
N GLU C 400 0.27 37.31 -10.69
CA GLU C 400 0.09 37.04 -12.11
C GLU C 400 -0.20 35.56 -12.36
N VAL C 401 -0.06 34.73 -11.33
CA VAL C 401 -0.29 33.30 -11.49
C VAL C 401 -1.78 33.00 -11.60
N THR C 402 -2.19 32.54 -12.79
CA THR C 402 -3.59 32.20 -13.05
C THR C 402 -3.87 30.78 -12.57
N PRO C 403 -5.16 30.44 -12.41
CA PRO C 403 -5.54 29.09 -11.97
C PRO C 403 -4.98 28.01 -12.89
N ASN C 404 -5.02 28.24 -14.19
CA ASN C 404 -4.49 27.24 -15.12
C ASN C 404 -2.96 27.16 -15.05
N MET C 405 -2.32 28.28 -14.76
CA MET C 405 -0.85 28.28 -14.65
C MET C 405 -0.45 27.42 -13.46
N ARG C 406 -1.14 27.59 -12.34
CA ARG C 406 -0.83 26.80 -11.15
C ARG C 406 -1.06 25.32 -11.44
N ARG C 407 -2.11 25.02 -12.20
CA ARG C 407 -2.45 23.65 -12.55
C ARG C 407 -1.33 23.03 -13.36
N GLN C 408 -0.79 23.78 -14.31
CA GLN C 408 0.29 23.31 -15.17
C GLN C 408 1.55 23.11 -14.32
N ALA C 409 1.84 24.08 -13.44
CA ALA C 409 3.01 24.00 -12.58
C ALA C 409 2.93 22.78 -11.70
N LYS C 410 1.73 22.51 -11.19
CA LYS C 410 1.51 21.35 -10.33
C LYS C 410 1.85 20.06 -11.08
N ALA C 411 1.44 19.97 -12.35
CA ALA C 411 1.71 18.78 -13.15
C ALA C 411 3.22 18.61 -13.39
N VAL C 412 3.92 19.73 -13.53
CA VAL C 412 5.36 19.69 -13.74
C VAL C 412 6.05 19.22 -12.45
N ASN C 413 5.64 19.79 -11.31
CA ASN C 413 6.24 19.41 -10.04
C ASN C 413 6.15 17.93 -9.75
N PHE C 414 5.00 17.35 -10.07
CA PHE C 414 4.76 15.94 -9.83
C PHE C 414 5.32 15.01 -10.89
N GLY C 415 5.66 15.57 -12.05
CA GLY C 415 6.23 14.76 -13.12
C GLY C 415 7.35 13.86 -12.65
N ILE C 416 8.35 14.43 -11.99
CA ILE C 416 9.46 13.65 -11.50
C ILE C 416 9.08 12.69 -10.37
N VAL C 417 8.11 13.12 -9.57
CA VAL C 417 7.63 12.29 -8.47
C VAL C 417 6.92 11.04 -9.00
N TYR C 418 6.03 11.23 -9.98
CA TYR C 418 5.31 10.12 -10.58
C TYR C 418 6.24 9.25 -11.41
N GLY C 419 7.27 9.89 -11.98
CA GLY C 419 8.22 9.16 -12.80
C GLY C 419 7.79 9.12 -14.26
N ILE C 420 7.28 10.24 -14.76
CA ILE C 420 6.82 10.33 -16.15
C ILE C 420 7.91 10.90 -17.06
N SER C 421 7.81 10.58 -18.35
CA SER C 421 8.76 11.08 -19.33
C SER C 421 8.24 12.39 -19.90
N ASP C 422 9.00 13.00 -20.80
CA ASP C 422 8.57 14.24 -21.41
C ASP C 422 7.24 13.99 -22.12
N TYR C 423 7.04 12.74 -22.55
CA TYR C 423 5.81 12.34 -23.21
C TYR C 423 4.65 12.45 -22.22
N GLY C 424 4.84 11.84 -21.05
CA GLY C 424 3.82 11.87 -20.02
C GLY C 424 3.38 13.26 -19.61
N LEU C 425 4.34 14.17 -19.45
CA LEU C 425 4.03 15.53 -19.06
C LEU C 425 3.17 16.20 -20.14
N ALA C 426 3.09 15.55 -21.29
CA ALA C 426 2.29 16.05 -22.40
C ALA C 426 0.89 15.44 -22.34
N GLN C 427 0.84 14.12 -22.15
CA GLN C 427 -0.43 13.41 -22.06
C GLN C 427 -1.26 13.94 -20.89
N ASN C 428 -0.60 14.68 -19.99
CA ASN C 428 -1.27 15.27 -18.83
C ASN C 428 -1.65 16.72 -19.10
N LEU C 429 -0.66 17.52 -19.50
CA LEU C 429 -0.88 18.93 -19.79
C LEU C 429 -1.61 19.08 -21.12
N ASN C 430 -1.93 17.95 -21.74
CA ASN C 430 -2.62 17.94 -23.04
C ASN C 430 -1.99 18.92 -24.01
N ILE C 431 -0.66 18.99 -23.98
CA ILE C 431 0.09 19.87 -24.86
C ILE C 431 0.98 19.02 -25.78
N SER C 432 1.96 19.64 -26.42
CA SER C 432 2.83 18.91 -27.32
C SER C 432 4.04 18.32 -26.60
N ARG C 433 4.57 17.25 -27.18
CA ARG C 433 5.74 16.55 -26.64
C ARG C 433 6.91 17.51 -26.49
N LYS C 434 7.00 18.48 -27.40
CA LYS C 434 8.07 19.46 -27.36
C LYS C 434 7.86 20.51 -26.29
N GLU C 435 6.63 21.01 -26.17
CA GLU C 435 6.32 22.02 -25.16
C GLU C 435 6.45 21.40 -23.77
N ALA C 436 5.95 20.16 -23.63
CA ALA C 436 6.03 19.45 -22.36
C ALA C 436 7.48 19.36 -21.93
N ALA C 437 8.34 18.98 -22.88
CA ALA C 437 9.77 18.86 -22.61
C ALA C 437 10.43 20.23 -22.65
N GLU C 438 9.64 21.28 -22.90
CA GLU C 438 10.17 22.63 -22.96
C GLU C 438 10.03 23.34 -21.62
N PHE C 439 9.03 22.93 -20.83
CA PHE C 439 8.82 23.52 -19.52
C PHE C 439 9.87 22.96 -18.56
N ILE C 440 10.22 21.70 -18.77
CA ILE C 440 11.20 21.03 -17.93
C ILE C 440 12.52 21.79 -17.94
N GLU C 441 12.89 22.32 -19.10
CA GLU C 441 14.13 23.07 -19.22
C GLU C 441 14.01 24.33 -18.37
N ARG C 442 12.83 24.93 -18.39
CA ARG C 442 12.58 26.14 -17.62
C ARG C 442 12.58 25.77 -16.13
N TYR C 443 12.09 24.58 -15.82
CA TYR C 443 12.05 24.11 -14.44
C TYR C 443 13.46 23.87 -13.92
N PHE C 444 14.32 23.25 -14.73
CA PHE C 444 15.68 22.98 -14.32
C PHE C 444 16.51 24.26 -14.17
N GLU C 445 16.13 25.31 -14.89
CA GLU C 445 16.84 26.58 -14.77
C GLU C 445 16.50 27.17 -13.41
N SER C 446 15.28 26.95 -12.96
CA SER C 446 14.84 27.45 -11.66
C SER C 446 15.29 26.54 -10.53
N PHE C 447 15.42 25.25 -10.82
CA PHE C 447 15.82 24.27 -9.81
C PHE C 447 17.00 23.43 -10.31
N PRO C 448 18.17 24.07 -10.48
CA PRO C 448 19.39 23.39 -10.94
C PRO C 448 19.81 22.19 -10.11
N GLY C 449 19.54 22.26 -8.80
CA GLY C 449 19.90 21.16 -7.92
C GLY C 449 19.11 19.90 -8.23
N VAL C 450 17.85 20.06 -8.62
CA VAL C 450 17.00 18.92 -8.96
C VAL C 450 17.53 18.29 -10.26
N LYS C 451 17.96 19.12 -11.20
CA LYS C 451 18.50 18.63 -12.46
C LYS C 451 19.76 17.81 -12.15
N ARG C 452 20.61 18.38 -11.30
CA ARG C 452 21.85 17.73 -10.89
C ARG C 452 21.56 16.36 -10.26
N TYR C 453 20.56 16.33 -9.39
CA TYR C 453 20.16 15.09 -8.72
C TYR C 453 19.71 14.03 -9.73
N MET C 454 18.88 14.44 -10.68
CA MET C 454 18.38 13.51 -11.68
C MET C 454 19.51 12.92 -12.52
N GLU C 455 20.51 13.73 -12.82
CA GLU C 455 21.65 13.25 -13.59
C GLU C 455 22.50 12.32 -12.73
N ASN C 456 22.76 12.73 -11.50
CA ASN C 456 23.57 11.95 -10.56
C ASN C 456 22.96 10.62 -10.15
N ILE C 457 21.67 10.62 -9.87
CA ILE C 457 21.01 9.39 -9.43
C ILE C 457 20.98 8.31 -10.52
N VAL C 458 20.81 8.73 -11.77
CA VAL C 458 20.79 7.78 -12.88
C VAL C 458 22.18 7.17 -13.06
N GLN C 459 23.22 7.99 -12.88
CA GLN C 459 24.59 7.49 -13.01
C GLN C 459 24.92 6.54 -11.86
N GLU C 460 24.41 6.85 -10.68
CA GLU C 460 24.64 6.00 -9.51
C GLU C 460 23.97 4.64 -9.71
N ALA C 461 22.77 4.67 -10.26
CA ALA C 461 22.00 3.44 -10.52
C ALA C 461 22.75 2.55 -11.50
N LYS C 462 23.39 3.18 -12.48
CA LYS C 462 24.14 2.45 -13.49
C LYS C 462 25.41 1.87 -12.88
N GLN C 463 26.09 2.66 -12.05
CA GLN C 463 27.33 2.23 -11.40
C GLN C 463 27.14 1.14 -10.35
N LYS C 464 26.21 1.37 -9.42
CA LYS C 464 25.97 0.40 -8.36
C LYS C 464 24.98 -0.70 -8.73
N GLY C 465 24.08 -0.41 -9.66
CA GLY C 465 23.08 -1.40 -10.05
C GLY C 465 21.77 -1.24 -9.29
N TYR C 466 21.73 -0.27 -8.38
CA TYR C 466 20.52 -0.04 -7.58
C TYR C 466 20.50 1.37 -7.00
N VAL C 467 19.34 1.80 -6.51
CA VAL C 467 19.22 3.10 -5.85
C VAL C 467 18.71 2.82 -4.43
N THR C 468 18.92 3.76 -3.52
CA THR C 468 18.50 3.58 -2.14
C THR C 468 17.69 4.75 -1.60
N THR C 469 17.01 4.51 -0.49
CA THR C 469 16.18 5.51 0.15
C THR C 469 16.86 5.96 1.44
N LEU C 470 16.25 6.95 2.11
CA LEU C 470 16.77 7.50 3.36
C LEU C 470 17.12 6.44 4.40
N LEU C 471 16.23 5.48 4.61
CA LEU C 471 16.50 4.44 5.60
C LEU C 471 17.13 3.17 5.04
N HIS C 472 17.73 3.30 3.84
CA HIS C 472 18.45 2.22 3.19
C HIS C 472 17.67 1.13 2.46
N ARG C 473 16.42 1.44 2.09
CA ARG C 473 15.62 0.49 1.31
C ARG C 473 16.33 0.49 -0.03
N ARG C 474 16.24 -0.61 -0.77
CA ARG C 474 16.94 -0.71 -2.04
C ARG C 474 16.04 -1.19 -3.18
N ARG C 475 16.38 -0.75 -4.39
CA ARG C 475 15.66 -1.16 -5.59
C ARG C 475 16.67 -1.36 -6.70
N TYR C 476 16.79 -2.59 -7.18
CA TYR C 476 17.73 -2.90 -8.26
C TYR C 476 17.13 -2.50 -9.60
N LEU C 477 17.94 -1.91 -10.46
CA LEU C 477 17.46 -1.47 -11.78
C LEU C 477 18.30 -2.04 -12.91
N PRO C 478 18.19 -3.36 -13.15
CA PRO C 478 18.96 -4.02 -14.21
C PRO C 478 18.69 -3.47 -15.60
N ASP C 479 17.49 -2.91 -15.82
CA ASP C 479 17.12 -2.35 -17.11
C ASP C 479 17.79 -1.02 -17.41
N ILE C 480 18.50 -0.47 -16.42
CA ILE C 480 19.15 0.81 -16.59
C ILE C 480 20.18 0.81 -17.73
N THR C 481 20.69 -0.36 -18.09
CA THR C 481 21.68 -0.46 -19.16
C THR C 481 21.11 -1.00 -20.47
N SER C 482 19.79 -1.20 -20.50
CA SER C 482 19.14 -1.71 -21.69
C SER C 482 19.41 -0.85 -22.91
N ARG C 483 19.56 -1.50 -24.06
CA ARG C 483 19.81 -0.77 -25.30
C ARG C 483 18.51 -0.44 -26.00
N ASN C 484 17.40 -0.69 -25.31
CA ASN C 484 16.07 -0.39 -25.82
C ASN C 484 15.65 0.90 -25.10
N PHE C 485 15.50 1.98 -25.87
CA PHE C 485 15.15 3.29 -25.33
C PHE C 485 14.00 3.32 -24.31
N ASN C 486 12.85 2.75 -24.67
CA ASN C 486 11.70 2.75 -23.78
C ASN C 486 11.98 2.04 -22.45
N VAL C 487 12.62 0.88 -22.54
CA VAL C 487 12.95 0.10 -21.35
C VAL C 487 13.96 0.84 -20.47
N ARG C 488 15.04 1.33 -21.07
CA ARG C 488 16.06 2.05 -20.31
C ARG C 488 15.49 3.31 -19.66
N SER C 489 14.74 4.08 -20.44
CA SER C 489 14.14 5.31 -19.96
C SER C 489 13.28 5.11 -18.73
N PHE C 490 12.51 4.03 -18.72
CA PHE C 490 11.65 3.75 -17.58
C PHE C 490 12.48 3.43 -16.34
N ALA C 491 13.59 2.72 -16.54
CA ALA C 491 14.48 2.38 -15.44
C ALA C 491 15.11 3.65 -14.87
N GLU C 492 15.41 4.59 -15.76
CA GLU C 492 16.01 5.86 -15.33
C GLU C 492 14.97 6.63 -14.50
N ARG C 493 13.72 6.61 -14.95
CA ARG C 493 12.66 7.32 -14.24
C ARG C 493 12.44 6.69 -12.87
N MET C 494 12.64 5.38 -12.77
CA MET C 494 12.48 4.67 -11.50
C MET C 494 13.65 5.01 -10.59
N ALA C 495 14.82 5.23 -11.19
CA ALA C 495 16.01 5.57 -10.43
C ALA C 495 15.78 6.93 -9.78
N MET C 496 15.12 7.81 -10.52
CA MET C 496 14.83 9.16 -10.03
C MET C 496 13.71 9.23 -9.00
N ASN C 497 12.66 8.43 -9.16
CA ASN C 497 11.54 8.53 -8.23
C ASN C 497 11.58 7.62 -7.00
N THR C 498 12.33 6.53 -7.06
CA THR C 498 12.37 5.62 -5.92
C THR C 498 12.93 6.25 -4.65
N PRO C 499 14.03 7.02 -4.74
CA PRO C 499 14.57 7.64 -3.52
C PRO C 499 13.59 8.64 -2.92
N ILE C 500 12.75 9.21 -3.77
CA ILE C 500 11.75 10.18 -3.34
C ILE C 500 10.56 9.46 -2.70
N GLN C 501 9.88 8.64 -3.49
CA GLN C 501 8.72 7.87 -3.02
C GLN C 501 9.13 6.94 -1.88
N GLY C 502 10.26 6.27 -2.06
CA GLY C 502 10.76 5.33 -1.07
C GLY C 502 11.08 5.98 0.26
N SER C 503 11.72 7.15 0.23
CA SER C 503 12.04 7.82 1.47
C SER C 503 10.77 8.31 2.17
N ALA C 504 9.76 8.73 1.40
CA ALA C 504 8.52 9.17 2.00
C ALA C 504 7.88 7.98 2.70
N ALA C 505 8.00 6.80 2.09
CA ALA C 505 7.45 5.58 2.66
C ALA C 505 8.18 5.27 3.98
N ASP C 506 9.51 5.40 3.96
CA ASP C 506 10.31 5.14 5.16
C ASP C 506 9.86 6.02 6.33
N ILE C 507 9.70 7.31 6.04
CA ILE C 507 9.30 8.29 7.06
C ILE C 507 7.93 7.99 7.66
N ILE C 508 6.97 7.66 6.80
CA ILE C 508 5.62 7.33 7.25
C ILE C 508 5.67 6.14 8.22
N LYS C 509 6.42 5.11 7.83
CA LYS C 509 6.54 3.91 8.66
C LYS C 509 7.17 4.22 10.00
N LYS C 510 8.20 5.04 10.00
CA LYS C 510 8.88 5.42 11.23
C LYS C 510 7.92 6.22 12.11
N ALA C 511 7.16 7.12 11.49
CA ALA C 511 6.20 7.93 12.23
C ALA C 511 5.19 7.03 12.94
N MET C 512 4.75 5.97 12.26
CA MET C 512 3.77 5.05 12.86
C MET C 512 4.33 4.38 14.11
N ILE C 513 5.59 3.95 14.02
CA ILE C 513 6.24 3.31 15.15
C ILE C 513 6.39 4.31 16.31
N ASP C 514 6.91 5.50 16.00
CA ASP C 514 7.08 6.52 17.02
C ASP C 514 5.76 6.93 17.67
N LEU C 515 4.71 7.05 16.86
CA LEU C 515 3.38 7.42 17.37
C LEU C 515 2.80 6.37 18.31
N ASN C 516 2.89 5.11 17.89
CA ASN C 516 2.41 3.99 18.68
C ASN C 516 3.08 4.02 20.05
N ALA C 517 4.39 4.28 20.06
CA ALA C 517 5.13 4.35 21.32
C ALA C 517 4.68 5.53 22.19
N ARG C 518 4.47 6.69 21.56
CA ARG C 518 4.02 7.87 22.30
C ARG C 518 2.62 7.72 22.89
N LEU C 519 1.71 7.16 22.12
CA LEU C 519 0.34 6.96 22.59
C LEU C 519 0.33 6.08 23.84
N LYS C 520 1.21 5.08 23.86
CA LYS C 520 1.30 4.17 24.99
C LYS C 520 1.85 4.90 26.22
N GLU C 521 2.95 5.62 26.05
CA GLU C 521 3.55 6.36 27.16
C GLU C 521 2.56 7.36 27.73
N GLU C 522 1.76 7.96 26.86
CA GLU C 522 0.76 8.95 27.27
C GLU C 522 -0.51 8.33 27.83
N ARG C 523 -0.61 7.00 27.76
CA ARG C 523 -1.77 6.28 28.26
C ARG C 523 -3.07 6.65 27.53
N LEU C 524 -2.96 7.04 26.26
CA LEU C 524 -4.13 7.41 25.48
C LEU C 524 -4.82 6.17 24.92
N GLN C 525 -6.14 6.23 24.79
CA GLN C 525 -6.91 5.12 24.25
C GLN C 525 -6.89 5.20 22.73
N ALA C 526 -6.56 6.37 22.20
CA ALA C 526 -6.49 6.57 20.76
C ALA C 526 -5.61 5.49 20.13
N HIS C 527 -5.96 5.08 18.91
CA HIS C 527 -5.16 4.09 18.21
C HIS C 527 -5.30 4.22 16.71
N LEU C 528 -4.26 3.77 16.01
CA LEU C 528 -4.20 3.81 14.57
C LEU C 528 -5.22 2.86 13.98
N LEU C 529 -5.84 3.29 12.89
CA LEU C 529 -6.82 2.47 12.19
C LEU C 529 -6.32 2.16 10.79
N LEU C 530 -5.87 3.20 10.10
CA LEU C 530 -5.40 3.06 8.74
C LEU C 530 -4.22 3.95 8.39
N GLN C 531 -3.54 3.56 7.32
CA GLN C 531 -2.43 4.32 6.79
C GLN C 531 -2.74 4.33 5.30
N VAL C 532 -2.92 5.52 4.75
CA VAL C 532 -3.23 5.63 3.33
C VAL C 532 -2.47 6.80 2.76
N HIS C 533 -1.86 6.60 1.61
CA HIS C 533 -1.09 7.65 0.96
C HIS C 533 -0.08 8.19 1.97
N ASP C 534 -0.10 9.49 2.22
CA ASP C 534 0.84 10.07 3.19
C ASP C 534 0.14 10.47 4.47
N GLU C 535 -0.90 9.71 4.85
CA GLU C 535 -1.60 10.05 6.07
C GLU C 535 -1.87 8.89 7.00
N LEU C 536 -2.11 9.23 8.27
CA LEU C 536 -2.43 8.27 9.30
C LEU C 536 -3.82 8.59 9.81
N ILE C 537 -4.65 7.57 9.92
CA ILE C 537 -6.02 7.74 10.39
C ILE C 537 -6.16 7.00 11.71
N LEU C 538 -6.66 7.70 12.73
CA LEU C 538 -6.86 7.12 14.05
C LEU C 538 -8.30 7.38 14.51
N GLU C 539 -8.68 6.75 15.61
CA GLU C 539 -9.98 6.98 16.23
C GLU C 539 -9.64 7.09 17.71
N ALA C 540 -10.40 7.89 18.44
CA ALA C 540 -10.14 8.08 19.87
C ALA C 540 -11.31 8.75 20.57
N PRO C 541 -11.33 8.70 21.91
CA PRO C 541 -12.40 9.31 22.68
C PRO C 541 -12.44 10.79 22.31
N LYS C 542 -13.63 11.39 22.27
CA LYS C 542 -13.71 12.80 21.93
C LYS C 542 -12.86 13.63 22.91
N GLU C 543 -12.70 13.12 24.13
CA GLU C 543 -11.92 13.82 25.16
C GLU C 543 -10.43 13.92 24.84
N GLU C 544 -9.96 13.12 23.89
CA GLU C 544 -8.53 13.13 23.53
C GLU C 544 -8.16 13.97 22.31
N MET C 545 -9.16 14.52 21.61
CA MET C 545 -8.89 15.30 20.41
C MET C 545 -7.88 16.44 20.59
N GLU C 546 -8.06 17.24 21.64
CA GLU C 546 -7.14 18.35 21.85
C GLU C 546 -5.70 17.90 22.03
N ARG C 547 -5.50 16.85 22.81
CA ARG C 547 -4.15 16.34 22.99
C ARG C 547 -3.59 15.76 21.69
N LEU C 548 -4.43 15.08 20.92
CA LEU C 548 -3.98 14.51 19.66
C LEU C 548 -3.59 15.59 18.66
N CYS C 549 -4.28 16.72 18.70
CA CYS C 549 -3.99 17.84 17.79
C CYS C 549 -2.55 18.34 17.96
N ARG C 550 -2.00 18.19 19.15
CA ARG C 550 -0.63 18.61 19.40
C ARG C 550 0.32 17.44 19.23
N LEU C 551 -0.06 16.29 19.79
CA LEU C 551 0.79 15.10 19.76
C LEU C 551 1.06 14.48 18.40
N VAL C 552 0.01 14.17 17.64
CA VAL C 552 0.22 13.52 16.35
C VAL C 552 1.09 14.27 15.36
N PRO C 553 0.78 15.56 15.10
CA PRO C 553 1.61 16.31 14.14
C PRO C 553 3.07 16.37 14.59
N GLU C 554 3.30 16.59 15.88
CA GLU C 554 4.64 16.69 16.41
C GLU C 554 5.43 15.39 16.15
N VAL C 555 4.83 14.26 16.51
CA VAL C 555 5.48 12.97 16.29
C VAL C 555 5.82 12.77 14.81
N MET C 556 4.87 13.07 13.94
CA MET C 556 5.07 12.91 12.50
C MET C 556 6.13 13.87 11.94
N GLU C 557 6.12 15.11 12.41
CA GLU C 557 7.07 16.11 11.92
C GLU C 557 8.49 15.82 12.40
N GLN C 558 8.62 15.11 13.51
CA GLN C 558 9.92 14.80 14.09
C GLN C 558 10.43 13.39 13.82
N ALA C 559 9.69 12.64 12.99
CA ALA C 559 10.07 11.26 12.68
C ALA C 559 11.53 11.19 12.22
N VAL C 560 11.91 12.10 11.34
CA VAL C 560 13.28 12.19 10.84
C VAL C 560 13.61 13.67 10.76
N THR C 561 14.88 14.00 10.58
CA THR C 561 15.25 15.40 10.46
C THR C 561 15.86 15.61 9.08
N LEU C 562 15.21 16.47 8.29
CA LEU C 562 15.66 16.77 6.94
C LEU C 562 16.20 18.20 6.89
N ARG C 563 16.74 18.58 5.73
CA ARG C 563 17.26 19.93 5.53
C ARG C 563 16.13 20.96 5.48
N VAL C 564 14.90 20.47 5.35
CA VAL C 564 13.74 21.34 5.33
C VAL C 564 12.76 20.78 6.34
N PRO C 565 11.81 21.61 6.82
CA PRO C 565 10.85 21.10 7.80
C PRO C 565 9.85 20.14 7.19
N LEU C 566 9.27 19.28 8.02
CA LEU C 566 8.22 18.39 7.58
C LEU C 566 6.97 19.09 8.14
N LYS C 567 5.91 19.10 7.35
CA LYS C 567 4.66 19.77 7.74
C LYS C 567 3.52 18.77 7.74
N VAL C 568 2.71 18.82 8.79
CA VAL C 568 1.60 17.90 8.92
C VAL C 568 0.28 18.64 9.18
N ASP C 569 -0.73 18.35 8.37
CA ASP C 569 -2.04 18.97 8.57
C ASP C 569 -2.92 17.93 9.23
N TYR C 570 -3.93 18.37 9.96
CA TYR C 570 -4.81 17.42 10.64
C TYR C 570 -6.25 17.92 10.75
N HIS C 571 -7.18 16.99 10.84
CA HIS C 571 -8.60 17.28 10.96
C HIS C 571 -9.23 16.13 11.72
N TYR C 572 -10.41 16.34 12.29
CA TYR C 572 -11.07 15.27 13.00
C TYR C 572 -12.58 15.51 12.94
N GLY C 573 -13.36 14.44 13.10
CA GLY C 573 -14.80 14.59 13.03
C GLY C 573 -15.55 13.32 13.37
N SER C 574 -16.86 13.34 13.18
CA SER C 574 -17.70 12.18 13.50
C SER C 574 -17.57 11.01 12.54
N THR C 575 -17.12 11.28 11.32
CA THR C 575 -16.94 10.23 10.32
C THR C 575 -15.63 10.53 9.60
N TRP C 576 -15.20 9.60 8.77
CA TRP C 576 -13.96 9.78 8.00
C TRP C 576 -14.13 10.99 7.07
N TYR C 577 -15.35 11.14 6.55
CA TYR C 577 -15.67 12.24 5.64
C TYR C 577 -15.45 13.59 6.32
N ASP C 578 -15.75 13.65 7.61
CA ASP C 578 -15.61 14.88 8.36
C ASP C 578 -14.17 15.18 8.76
N ALA C 579 -13.30 14.19 8.63
CA ALA C 579 -11.88 14.37 8.95
C ALA C 579 -11.11 14.48 7.64
N LYS C 580 -11.85 14.52 6.54
CA LYS C 580 -11.32 14.62 5.18
C LYS C 580 -10.80 13.28 4.66
#